data_9QA4
#
_entry.id   9QA4
#
_cell.length_a   172.947
_cell.length_b   172.947
_cell.length_c   103.007
_cell.angle_alpha   90
_cell.angle_beta   90
_cell.angle_gamma   120
#
_symmetry.space_group_name_H-M   'H 3'
#
loop_
_entity.id
_entity.type
_entity.pdbx_description
1 polymer 'TRP-ARG dipeptide'
2 polymer 'Angiotensin-converting enzyme'
3 branched beta-D-mannopyranose-(1-6)-alpha-D-mannopyranose-(1-3)-[alpha-D-mannopyranose-(1-6)]beta-D-mannopyranose-(1-4)-2-acetamido-2-deoxy-beta-D-glucopyranose-(1-4)-2-acetamido-2-deoxy-beta-D-glucopyranose
4 non-polymer 'ZINC ION'
5 non-polymer 2-acetamido-2-deoxy-beta-D-glucopyranose
6 non-polymer 'CITRATE ANION'
7 water water
#
loop_
_entity_poly.entity_id
_entity_poly.type
_entity_poly.pdbx_seq_one_letter_code
_entity_poly.pdbx_strand_id
1 'polypeptide(L)' WR B,C
2 'polypeptide(L)'
;ALVKEEIQAKEYLENLNKELAKRTNVETEAAWAYGSNITDENEKKKNEISAELAKFMKEVASDTTKFQWRSYQSEDLKRQ
FKALTKLGYAALPEDDYAELLDTLSAMESNFAKVKVCDYKDSTKCDLALDPEIEEVISKSRDHEELAYYWREFYDKAGTA
VRSQFERYVELNTKAAKLNNFTSGAEAWLDEYEDDTFEQQLEDIFADIRPLYQQIHGYVRFRLRKHYGDAVVSETGPIPM
HLLGNMWAQQWSEIADIVSPFPEKPLVDVSAEMEKQGYTPLKMFQMGDDFFTSMNLTKLPQDFWDKSIIEKPTDGRDLVC
HASAWDFYLIDDVRIKQCTRVTQDQLFTVHHELGHIQYFLQYQHQPFVYRTGANPGFHEAVGDVLSLSVSTPKHLEKIGL
LKDYVRDDEARINQLFLTALDKIVFLPFAFTMDKYRWSLFRGEVDKANWNCAFWKLRDEYSGIEPPVVRSEKDFDAPAKY
HISADVEYLRYLVSFIIQFQFYKSACIKAGQYDPDNVELPLDNCDIYGSAAAGAAFHNMLSMGASKPWPDALEAFNGERI
MSGKAIAEYFEPLRVWLEAENIKNNVHIGWTTSNKCVS
;
A
#
# COMPACT_ATOMS: atom_id res chain seq x y z
N TRP A 1 11.26 3.87 4.79
N TRP A 1 6.65 0.82 4.60
CA TRP A 1 10.34 2.80 5.24
CA TRP A 1 8.04 0.41 4.22
C TRP A 1 9.30 2.50 4.16
C TRP A 1 8.91 1.65 4.03
N ARG A 2 8.53 1.43 4.41
N ARG A 2 8.94 2.49 5.07
CA ARG A 2 7.54 0.86 3.52
CA ARG A 2 9.77 3.68 5.10
C ARG A 2 6.18 0.66 4.25
C ARG A 2 11.19 3.30 4.65
N TRP B 1 1.09 -0.35 5.21
CA TRP B 1 -0.26 -0.61 4.73
C TRP B 1 -0.59 0.35 3.57
N ARG B 2 -1.42 -0.15 2.65
CA ARG B 2 -2.18 0.67 1.69
C ARG B 2 -3.03 1.72 2.45
N ALA C 1 43.47 3.02 -20.28
CA ALA C 1 42.82 3.68 -19.11
C ALA C 1 41.65 2.84 -18.60
N LEU C 2 40.84 2.21 -19.48
CA LEU C 2 39.47 1.84 -19.11
C LEU C 2 39.42 0.58 -18.26
N VAL C 3 40.24 -0.42 -18.61
CA VAL C 3 40.28 -1.67 -17.87
C VAL C 3 40.73 -1.42 -16.43
N LYS C 4 41.75 -0.58 -16.27
CA LYS C 4 42.29 -0.25 -14.97
C LYS C 4 41.27 0.61 -14.23
N GLU C 5 40.59 1.51 -14.95
CA GLU C 5 39.64 2.41 -14.30
C GLU C 5 38.47 1.59 -13.75
N GLU C 6 38.05 0.57 -14.49
CA GLU C 6 36.92 -0.24 -14.09
C GLU C 6 37.30 -1.02 -12.82
N ILE C 7 38.57 -1.43 -12.67
CA ILE C 7 39.00 -2.09 -11.44
C ILE C 7 38.89 -1.13 -10.26
N GLN C 8 39.36 0.09 -10.45
CA GLN C 8 39.28 1.11 -9.41
C GLN C 8 37.83 1.43 -9.08
N ALA C 9 36.96 1.53 -10.10
CA ALA C 9 35.56 1.87 -9.90
C ALA C 9 34.89 0.84 -9.01
N LYS C 10 35.17 -0.44 -9.23
CA LYS C 10 34.62 -1.49 -8.39
C LYS C 10 34.96 -1.26 -6.91
N GLU C 11 36.19 -0.83 -6.63
CA GLU C 11 36.59 -0.56 -5.26
C GLU C 11 35.94 0.70 -4.75
N TYR C 12 35.82 1.70 -5.61
CA TYR C 12 35.12 2.91 -5.23
C TYR C 12 33.70 2.56 -4.78
N LEU C 13 33.00 1.71 -5.53
CA LEU C 13 31.60 1.41 -5.25
C LEU C 13 31.49 0.62 -3.95
N GLU C 14 32.39 -0.36 -3.79
CA GLU C 14 32.37 -1.19 -2.60
C GLU C 14 32.39 -0.27 -1.38
N ASN C 15 33.31 0.69 -1.35
CA ASN C 15 33.43 1.57 -0.20
C ASN C 15 32.27 2.55 -0.10
N LEU C 16 31.83 3.11 -1.23
CA LEU C 16 30.79 4.10 -1.15
C LEU C 16 29.46 3.48 -0.67
N ASN C 17 29.14 2.27 -1.14
CA ASN C 17 27.91 1.59 -0.73
C ASN C 17 27.89 1.43 0.80
N LYS C 18 29.03 1.07 1.39
CA LYS C 18 29.11 0.86 2.82
C LYS C 18 28.93 2.17 3.56
N GLU C 19 29.54 3.22 3.04
CA GLU C 19 29.34 4.52 3.64
C GLU C 19 27.89 5.00 3.55
N LEU C 20 27.23 4.80 2.40
CA LEU C 20 25.84 5.23 2.29
C LEU C 20 24.96 4.46 3.29
N ALA C 21 25.22 3.17 3.46
CA ALA C 21 24.44 2.34 4.40
C ALA C 21 24.55 2.92 5.80
N LYS C 22 25.79 3.26 6.22
CA LYS C 22 25.97 3.83 7.55
C LYS C 22 25.33 5.19 7.68
N ARG C 23 25.54 6.05 6.68
CA ARG C 23 24.91 7.37 6.76
C ARG C 23 23.36 7.23 6.72
N THR C 24 22.85 6.27 5.96
CA THR C 24 21.40 6.12 5.89
C THR C 24 20.85 5.59 7.22
N ASN C 25 21.62 4.72 7.88
CA ASN C 25 21.29 4.24 9.21
C ASN C 25 20.97 5.41 10.10
N VAL C 26 21.80 6.45 10.05
CA VAL C 26 21.66 7.57 10.96
C VAL C 26 20.43 8.42 10.63
N GLU C 27 20.17 8.68 9.35
CA GLU C 27 18.96 9.41 9.00
C GLU C 27 17.71 8.59 9.40
N THR C 28 17.79 7.27 9.19
CA THR C 28 16.66 6.38 9.46
C THR C 28 16.32 6.41 10.95
N GLU C 29 17.34 6.39 11.82
CA GLU C 29 17.12 6.49 13.26
C GLU C 29 16.41 7.78 13.62
N ALA C 30 16.81 8.92 13.03
CA ALA C 30 16.13 10.16 13.35
C ALA C 30 14.67 10.15 12.87
N ALA C 31 14.43 9.55 11.71
CA ALA C 31 13.08 9.52 11.15
C ALA C 31 12.20 8.64 12.03
N TRP C 32 12.77 7.56 12.54
CA TRP C 32 12.06 6.62 13.39
C TRP C 32 11.67 7.31 14.68
N ALA C 33 12.59 8.10 15.26
CA ALA C 33 12.37 8.83 16.50
C ALA C 33 11.22 9.80 16.34
N TYR C 34 11.13 10.41 15.18
CA TYR C 34 10.08 11.38 14.97
C TYR C 34 8.74 10.69 14.77
N GLY C 35 8.74 9.68 13.91
CA GLY C 35 7.52 8.98 13.54
C GLY C 35 6.92 8.24 14.72
N SER C 36 7.76 7.89 15.69
CA SER C 36 7.31 7.19 16.88
C SER C 36 7.02 8.18 18.00
N ASN C 37 7.30 9.48 17.80
CA ASN C 37 7.20 10.50 18.83
C ASN C 37 7.29 11.90 18.23
N ILE C 38 6.14 12.43 17.78
CA ILE C 38 6.15 13.67 17.04
C ILE C 38 6.30 14.86 17.99
N THR C 39 7.43 15.56 17.87
CA THR C 39 7.72 16.79 18.60
C THR C 39 8.47 17.73 17.66
N ASP C 40 8.44 19.02 17.96
CA ASP C 40 9.18 20.00 17.19
C ASP C 40 10.67 19.68 17.17
N GLU C 41 11.18 19.20 18.29
CA GLU C 41 12.58 18.90 18.41
C GLU C 41 12.96 17.72 17.54
N ASN C 42 12.13 16.68 17.49
CA ASN C 42 12.47 15.49 16.72
C ASN C 42 12.36 15.81 15.22
N GLU C 43 11.43 16.69 14.87
CA GLU C 43 11.21 17.16 13.52
C GLU C 43 12.47 17.85 13.02
N LYS C 44 13.01 18.75 13.85
CA LYS C 44 14.20 19.52 13.52
C LYS C 44 15.37 18.58 13.31
N LYS C 45 15.54 17.60 14.20
CA LYS C 45 16.66 16.69 14.10
C LYS C 45 16.58 15.82 12.85
N LYS C 46 15.37 15.29 12.54
CA LYS C 46 15.18 14.44 11.37
C LYS C 46 15.58 15.24 10.11
N ASN C 47 15.11 16.48 10.02
CA ASN C 47 15.22 17.29 8.82
C ASN C 47 16.66 17.78 8.67
N GLU C 48 17.36 17.99 9.80
CA GLU C 48 18.74 18.44 9.76
C GLU C 48 19.63 17.32 9.25
N ILE C 49 19.41 16.09 9.70
CA ILE C 49 20.24 14.99 9.28
C ILE C 49 19.95 14.68 7.81
N SER C 50 18.67 14.76 7.40
CA SER C 50 18.36 14.55 5.99
C SER C 50 19.09 15.55 5.11
N ALA C 51 19.09 16.83 5.50
CA ALA C 51 19.80 17.88 4.78
C ALA C 51 21.28 17.55 4.60
N GLU C 52 21.87 16.92 5.61
CA GLU C 52 23.29 16.63 5.58
C GLU C 52 23.54 15.43 4.69
N LEU C 53 22.65 14.43 4.71
CA LEU C 53 22.81 13.31 3.81
C LEU C 53 22.58 13.79 2.36
N ALA C 54 21.66 14.69 2.14
CA ALA C 54 21.41 15.19 0.79
C ALA C 54 22.64 15.89 0.24
N LYS C 55 23.30 16.70 1.08
CA LYS C 55 24.52 17.36 0.64
C LYS C 55 25.58 16.35 0.28
N PHE C 56 25.75 15.27 1.06
CA PHE C 56 26.70 14.24 0.67
C PHE C 56 26.32 13.55 -0.64
N MET C 57 25.05 13.17 -0.84
CA MET C 57 24.61 12.55 -2.10
C MET C 57 24.93 13.44 -3.31
N LYS C 58 24.79 14.76 -3.14
CA LYS C 58 25.15 15.71 -4.18
C LYS C 58 26.62 15.56 -4.57
N GLU C 59 27.52 15.41 -3.58
CA GLU C 59 28.93 15.15 -3.89
C GLU C 59 29.10 13.79 -4.58
N VAL C 60 28.35 12.78 -4.15
CA VAL C 60 28.46 11.49 -4.78
C VAL C 60 28.05 11.60 -6.26
N ALA C 61 26.92 12.23 -6.56
CA ALA C 61 26.48 12.35 -7.94
C ALA C 61 27.57 13.05 -8.74
N SER C 62 28.16 14.11 -8.19
CA SER C 62 29.23 14.81 -8.86
C SER C 62 30.42 13.89 -9.10
N ASP C 63 30.84 13.12 -8.10
CA ASP C 63 31.96 12.21 -8.27
C ASP C 63 31.72 11.09 -9.28
N THR C 64 30.48 10.69 -9.58
CA THR C 64 30.29 9.63 -10.57
C THR C 64 30.81 10.07 -11.94
N THR C 65 30.86 11.38 -12.22
CA THR C 65 31.25 11.83 -13.55
C THR C 65 32.75 11.69 -13.76
N LYS C 66 33.51 11.48 -12.69
CA LYS C 66 34.92 11.19 -12.81
C LYS C 66 35.16 9.77 -13.34
N PHE C 67 34.12 8.92 -13.39
CA PHE C 67 34.29 7.60 -13.92
C PHE C 67 33.55 7.48 -15.25
N GLN C 68 34.18 6.82 -16.24
CA GLN C 68 33.57 6.59 -17.53
C GLN C 68 32.65 5.38 -17.45
N TRP C 69 31.69 5.41 -16.52
CA TRP C 69 31.01 4.18 -16.17
C TRP C 69 30.16 3.63 -17.31
N ARG C 70 29.66 4.51 -18.20
CA ARG C 70 28.82 4.02 -19.28
C ARG C 70 29.65 3.23 -20.29
N SER C 71 30.99 3.38 -20.19
CA SER C 71 31.91 2.65 -21.06
C SER C 71 32.33 1.28 -20.52
N TYR C 72 31.92 0.91 -19.31
CA TYR C 72 32.44 -0.29 -18.65
C TYR C 72 31.81 -1.55 -19.20
N GLN C 73 32.54 -2.66 -18.99
CA GLN C 73 32.11 -3.97 -19.42
C GLN C 73 31.06 -4.56 -18.49
N SER C 74 31.16 -4.29 -17.20
CA SER C 74 30.30 -4.94 -16.21
C SER C 74 28.91 -4.29 -16.14
N GLU C 75 27.89 -5.04 -16.55
CA GLU C 75 26.52 -4.60 -16.44
C GLU C 75 26.22 -4.26 -14.99
N ASP C 76 26.78 -5.06 -14.08
CA ASP C 76 26.54 -4.84 -12.67
C ASP C 76 27.13 -3.53 -12.19
N LEU C 77 28.37 -3.21 -12.57
CA LEU C 77 28.96 -1.95 -12.12
C LEU C 77 28.18 -0.78 -12.71
N LYS C 78 27.77 -0.92 -13.96
CA LYS C 78 27.04 0.19 -14.59
C LYS C 78 25.71 0.41 -13.88
N ARG C 79 25.05 -0.68 -13.49
CA ARG C 79 23.78 -0.56 -12.81
C ARG C 79 23.93 0.18 -11.48
N GLN C 80 25.01 -0.10 -10.74
CA GLN C 80 25.23 0.59 -9.49
C GLN C 80 25.50 2.07 -9.72
N PHE C 81 26.38 2.37 -10.68
CA PHE C 81 26.66 3.77 -10.93
C PHE C 81 25.39 4.53 -11.30
N LYS C 82 24.59 3.92 -12.16
CA LYS C 82 23.36 4.58 -12.61
C LYS C 82 22.48 4.89 -11.40
N ALA C 83 22.32 3.95 -10.47
CA ALA C 83 21.58 4.21 -9.23
C ALA C 83 22.15 5.37 -8.41
N LEU C 84 23.47 5.51 -8.28
CA LEU C 84 24.04 6.63 -7.55
C LEU C 84 23.88 7.96 -8.28
N THR C 85 23.60 7.95 -9.58
CA THR C 85 23.40 9.22 -10.25
C THR C 85 22.06 9.81 -9.86
N LYS C 86 21.14 8.98 -9.36
CA LYS C 86 19.77 9.41 -9.18
C LYS C 86 19.56 10.07 -7.82
N LEU C 87 19.59 11.40 -7.79
CA LEU C 87 19.59 12.15 -6.54
C LEU C 87 18.20 12.33 -5.96
N GLY C 88 17.18 12.34 -6.82
CA GLY C 88 15.84 12.70 -6.40
C GLY C 88 15.77 14.09 -5.78
N TYR C 89 15.12 14.19 -4.61
CA TYR C 89 14.97 15.50 -3.98
C TYR C 89 16.33 16.12 -3.65
N ALA C 90 17.33 15.30 -3.43
CA ALA C 90 18.66 15.79 -3.05
C ALA C 90 19.29 16.66 -4.15
N ALA C 91 18.70 16.65 -5.33
CA ALA C 91 19.19 17.48 -6.42
C ALA C 91 18.89 18.95 -6.17
N LEU C 92 17.94 19.23 -5.26
CA LEU C 92 17.50 20.59 -5.04
C LEU C 92 18.62 21.44 -4.41
N PRO C 93 18.64 22.77 -4.64
CA PRO C 93 19.51 23.64 -3.89
C PRO C 93 19.20 23.50 -2.41
N GLU C 94 20.24 23.65 -1.59
CA GLU C 94 20.18 23.42 -0.15
C GLU C 94 18.95 24.03 0.48
N ASP C 95 18.68 25.30 0.18
CA ASP C 95 17.56 26.02 0.79
C ASP C 95 16.20 25.44 0.34
N ASP C 96 16.08 25.08 -0.93
CA ASP C 96 14.84 24.46 -1.40
C ASP C 96 14.62 23.09 -0.79
N TYR C 97 15.69 22.30 -0.67
CA TYR C 97 15.63 21.01 0.01
C TYR C 97 15.09 21.19 1.42
N ALA C 98 15.58 22.21 2.14
CA ALA C 98 15.17 22.36 3.53
C ALA C 98 13.70 22.78 3.59
N GLU C 99 13.29 23.62 2.65
CA GLU C 99 11.91 24.07 2.59
C GLU C 99 11.01 22.88 2.26
N LEU C 100 11.45 22.00 1.36
CA LEU C 100 10.64 20.83 1.02
C LEU C 100 10.46 19.94 2.26
N LEU C 101 11.54 19.68 3.01
CA LEU C 101 11.44 18.84 4.20
C LEU C 101 10.47 19.44 5.21
N ASP C 102 10.54 20.77 5.35
CA ASP C 102 9.66 21.46 6.29
C ASP C 102 8.23 21.31 5.81
N THR C 103 8.02 21.39 4.49
CA THR C 103 6.67 21.23 3.96
C THR C 103 6.13 19.82 4.20
N LEU C 104 6.93 18.80 3.90
CA LEU C 104 6.56 17.41 4.11
C LEU C 104 6.19 17.16 5.57
N SER C 105 7.05 17.64 6.50
CA SER C 105 6.84 17.49 7.94
C SER C 105 5.50 18.10 8.32
N ALA C 106 5.24 19.31 7.83
CA ALA C 106 4.01 20.01 8.14
C ALA C 106 2.81 19.14 7.71
N MET C 107 2.88 18.51 6.52
CA MET C 107 1.71 17.75 6.08
C MET C 107 1.57 16.48 6.89
N GLU C 108 2.67 15.73 7.08
CA GLU C 108 2.58 14.45 7.75
C GLU C 108 2.14 14.66 9.21
N SER C 109 2.68 15.67 9.89
CA SER C 109 2.30 15.90 11.29
C SER C 109 0.86 16.45 11.40
N ASN C 110 0.39 17.23 10.44
CA ASN C 110 -1.01 17.62 10.41
C ASN C 110 -1.86 16.37 10.38
N PHE C 111 -1.54 15.45 9.46
CA PHE C 111 -2.33 14.22 9.33
C PHE C 111 -2.32 13.48 10.67
N ALA C 112 -1.14 13.31 11.27
CA ALA C 112 -1.00 12.44 12.43
C ALA C 112 -1.69 13.04 13.66
N LYS C 113 -1.85 14.37 13.70
CA LYS C 113 -2.39 15.01 14.88
C LYS C 113 -3.88 15.32 14.77
N VAL C 114 -4.56 14.90 13.69
CA VAL C 114 -5.98 15.19 13.58
C VAL C 114 -6.73 14.54 14.75
N LYS C 115 -7.63 15.33 15.33
CA LYS C 115 -8.61 14.87 16.30
C LYS C 115 -9.94 15.52 16.00
N VAL C 116 -11.04 14.82 16.28
CA VAL C 116 -12.37 15.38 16.08
C VAL C 116 -13.23 15.18 17.33
N CYS C 117 -14.36 15.90 17.34
CA CYS C 117 -15.34 15.80 18.42
C CYS C 117 -16.30 14.64 18.19
N ASP C 118 -16.60 13.93 19.29
CA ASP C 118 -17.61 12.90 19.33
C ASP C 118 -18.92 13.46 18.77
N TYR C 119 -19.54 12.70 17.87
CA TYR C 119 -20.79 13.08 17.21
C TYR C 119 -21.89 13.34 18.24
N LYS C 120 -21.85 12.56 19.33
CA LYS C 120 -22.83 12.62 20.40
C LYS C 120 -22.34 13.38 21.63
N ASP C 121 -21.27 14.17 21.54
CA ASP C 121 -20.74 14.85 22.71
C ASP C 121 -19.63 15.77 22.27
N SER C 122 -19.97 17.04 22.02
CA SER C 122 -19.06 17.95 21.37
C SER C 122 -18.06 18.54 22.36
N THR C 123 -18.03 18.00 23.58
CA THR C 123 -16.97 18.31 24.53
C THR C 123 -15.90 17.21 24.54
N LYS C 124 -16.23 16.00 24.06
CA LYS C 124 -15.22 14.98 23.94
C LYS C 124 -14.57 15.11 22.54
N CYS C 125 -13.37 15.74 22.50
CA CYS C 125 -12.73 16.15 21.26
C CYS C 125 -11.32 15.55 21.06
N ASP C 126 -11.16 14.28 21.37
CA ASP C 126 -9.84 13.66 21.33
C ASP C 126 -9.92 12.37 20.53
N LEU C 127 -10.88 12.29 19.58
CA LEU C 127 -11.02 11.09 18.79
C LEU C 127 -9.99 11.20 17.66
N ALA C 128 -9.11 10.21 17.55
CA ALA C 128 -8.15 10.17 16.46
C ALA C 128 -8.70 9.26 15.37
N LEU C 129 -8.10 9.36 14.18
CA LEU C 129 -8.44 8.42 13.10
C LEU C 129 -8.27 6.99 13.58
N ASP C 130 -7.07 6.70 14.11
CA ASP C 130 -6.75 5.38 14.57
C ASP C 130 -6.59 5.46 16.08
N PRO C 131 -7.47 4.81 16.88
CA PRO C 131 -8.54 3.95 16.41
C PRO C 131 -9.95 4.53 16.30
N GLU C 132 -10.26 5.70 16.87
CA GLU C 132 -11.66 6.01 17.16
C GLU C 132 -12.53 6.23 15.90
N ILE C 133 -12.06 7.03 14.95
CA ILE C 133 -12.90 7.41 13.82
C ILE C 133 -13.04 6.19 12.92
N GLU C 134 -11.94 5.45 12.76
CA GLU C 134 -11.94 4.28 11.90
C GLU C 134 -12.92 3.24 12.43
N GLU C 135 -13.06 3.16 13.77
CA GLU C 135 -14.00 2.20 14.32
C GLU C 135 -15.45 2.59 13.99
N VAL C 136 -15.79 3.88 14.05
CA VAL C 136 -17.12 4.30 13.66
C VAL C 136 -17.34 4.04 12.17
N ILE C 137 -16.40 4.44 11.32
CA ILE C 137 -16.59 4.27 9.87
C ILE C 137 -16.77 2.82 9.48
N SER C 138 -16.11 1.91 10.21
CA SER C 138 -16.20 0.49 9.88
C SER C 138 -17.42 -0.18 10.51
N LYS C 139 -17.99 0.36 11.60
CA LYS C 139 -19.01 -0.37 12.32
C LYS C 139 -20.39 0.31 12.27
N SER C 140 -20.47 1.65 12.27
CA SER C 140 -21.75 2.35 12.28
C SER C 140 -22.50 2.11 10.98
N ARG C 141 -23.82 1.92 11.12
CA ARG C 141 -24.71 1.95 9.97
C ARG C 141 -25.74 3.06 10.12
N ASP C 142 -25.34 4.10 10.84
CA ASP C 142 -26.07 5.35 10.94
C ASP C 142 -25.47 6.33 9.93
N HIS C 143 -26.19 6.53 8.83
CA HIS C 143 -25.67 7.25 7.69
C HIS C 143 -25.34 8.70 8.05
N GLU C 144 -26.07 9.31 9.00
CA GLU C 144 -25.76 10.69 9.37
C GLU C 144 -24.51 10.76 10.25
N GLU C 145 -24.35 9.78 11.12
CA GLU C 145 -23.17 9.68 11.96
C GLU C 145 -21.92 9.53 11.08
N LEU C 146 -22.00 8.58 10.12
CA LEU C 146 -20.96 8.33 9.13
C LEU C 146 -20.60 9.61 8.37
N ALA C 147 -21.62 10.35 7.89
CA ALA C 147 -21.36 11.57 7.13
C ALA C 147 -20.67 12.63 8.00
N TYR C 148 -21.04 12.66 9.29
CA TYR C 148 -20.45 13.61 10.23
C TYR C 148 -18.94 13.36 10.33
N TYR C 149 -18.55 12.12 10.57
CA TYR C 149 -17.14 11.77 10.79
C TYR C 149 -16.35 12.00 9.50
N TRP C 150 -16.98 11.72 8.36
CA TRP C 150 -16.35 11.91 7.07
C TRP C 150 -15.96 13.36 6.92
N ARG C 151 -16.96 14.23 7.14
CA ARG C 151 -16.77 15.65 6.95
C ARG C 151 -15.75 16.21 7.92
N GLU C 152 -15.79 15.81 9.19
CA GLU C 152 -14.84 16.35 10.18
C GLU C 152 -13.41 15.96 9.80
N PHE C 153 -13.21 14.69 9.43
CA PHE C 153 -11.89 14.18 9.08
C PHE C 153 -11.33 14.87 7.84
N TYR C 154 -12.14 14.96 6.77
CA TYR C 154 -11.62 15.47 5.51
C TYR C 154 -11.27 16.94 5.65
N ASP C 155 -12.10 17.67 6.40
CA ASP C 155 -11.86 19.10 6.58
C ASP C 155 -10.53 19.30 7.30
N LYS C 156 -10.19 18.42 8.25
CA LYS C 156 -8.98 18.63 9.07
C LYS C 156 -7.74 18.00 8.46
N ALA C 157 -7.88 16.85 7.84
CA ALA C 157 -6.74 16.14 7.24
C ALA C 157 -6.45 16.61 5.82
N GLY C 158 -7.50 17.05 5.15
CA GLY C 158 -7.40 17.49 3.77
C GLY C 158 -7.22 19.00 3.63
N THR C 159 -8.32 19.73 3.80
CA THR C 159 -8.37 21.13 3.43
C THR C 159 -7.31 21.95 4.16
N ALA C 160 -6.95 21.53 5.38
CA ALA C 160 -6.05 22.31 6.20
C ALA C 160 -4.66 22.38 5.59
N VAL C 161 -4.27 21.48 4.70
CA VAL C 161 -2.89 21.52 4.21
C VAL C 161 -2.82 21.88 2.72
N ARG C 162 -3.85 22.54 2.18
CA ARG C 162 -3.83 22.93 0.77
C ARG C 162 -2.56 23.72 0.42
N SER C 163 -2.27 24.76 1.18
CA SER C 163 -1.12 25.61 0.90
C SER C 163 0.18 24.84 0.85
N GLN C 164 0.39 24.00 1.86
CA GLN C 164 1.58 23.19 1.95
C GLN C 164 1.63 22.23 0.77
N PHE C 165 0.49 21.65 0.40
CA PHE C 165 0.46 20.68 -0.67
C PHE C 165 0.90 21.37 -1.97
N GLU C 166 0.39 22.56 -2.17
CA GLU C 166 0.73 23.32 -3.36
C GLU C 166 2.23 23.60 -3.45
N ARG C 167 2.88 23.99 -2.34
CA ARG C 167 4.31 24.22 -2.36
C ARG C 167 5.07 22.90 -2.61
N TYR C 168 4.60 21.80 -2.02
CA TYR C 168 5.19 20.49 -2.27
C TYR C 168 5.18 20.15 -3.76
N VAL C 169 4.04 20.33 -4.44
CA VAL C 169 3.97 20.07 -5.87
C VAL C 169 5.03 20.87 -6.61
N GLU C 170 5.18 22.16 -6.32
CA GLU C 170 6.18 22.99 -6.96
C GLU C 170 7.58 22.45 -6.74
N LEU C 171 7.91 22.09 -5.50
CA LEU C 171 9.27 21.66 -5.22
C LEU C 171 9.51 20.26 -5.75
N ASN C 172 8.48 19.42 -5.72
CA ASN C 172 8.61 18.08 -6.28
C ASN C 172 8.90 18.22 -7.78
N THR C 173 8.21 19.13 -8.46
CA THR C 173 8.44 19.34 -9.88
C THR C 173 9.85 19.87 -10.15
N LYS C 174 10.29 20.85 -9.35
CA LYS C 174 11.61 21.42 -9.51
C LYS C 174 12.70 20.37 -9.35
N ALA C 175 12.51 19.45 -8.36
CA ALA C 175 13.41 18.38 -8.11
C ALA C 175 13.46 17.45 -9.32
N ALA C 176 12.28 17.00 -9.80
CA ALA C 176 12.25 16.11 -10.97
C ALA C 176 13.02 16.71 -12.15
N LYS C 177 12.78 18.00 -12.42
CA LYS C 177 13.40 18.65 -13.56
C LYS C 177 14.92 18.76 -13.38
N LEU C 178 15.42 18.96 -12.15
CA LEU C 178 16.86 18.95 -11.94
C LEU C 178 17.44 17.57 -12.19
N ASN C 179 16.62 16.51 -12.15
CA ASN C 179 17.06 15.15 -12.49
C ASN C 179 16.79 14.87 -13.96
N ASN C 180 16.27 15.87 -14.68
CA ASN C 180 15.92 15.81 -16.09
C ASN C 180 14.79 14.84 -16.39
N PHE C 181 13.88 14.62 -15.42
CA PHE C 181 12.56 14.05 -15.68
C PHE C 181 11.58 15.17 -15.99
N THR C 182 10.53 14.89 -16.79
CA THR C 182 9.56 15.92 -17.09
C THR C 182 8.90 16.41 -15.81
N SER C 183 8.61 15.48 -14.89
CA SER C 183 7.87 15.79 -13.67
C SER C 183 8.09 14.66 -12.65
N GLY C 184 7.49 14.81 -11.47
CA GLY C 184 7.57 13.78 -10.45
C GLY C 184 6.85 12.50 -10.85
N ALA C 185 5.94 12.56 -11.85
CA ALA C 185 5.28 11.36 -12.34
C ALA C 185 6.32 10.44 -12.98
N GLU C 186 7.15 11.03 -13.84
CA GLU C 186 8.21 10.31 -14.53
C GLU C 186 9.31 9.87 -13.55
N ALA C 187 9.58 10.69 -12.53
CA ALA C 187 10.53 10.27 -11.49
C ALA C 187 10.02 9.03 -10.75
N TRP C 188 8.74 9.01 -10.37
CA TRP C 188 8.16 7.80 -9.76
C TRP C 188 8.18 6.60 -10.69
N LEU C 189 7.78 6.82 -11.97
CA LEU C 189 7.68 5.75 -12.94
C LEU C 189 9.04 5.13 -13.23
N ASP C 190 10.12 5.89 -13.09
CA ASP C 190 11.46 5.40 -13.36
C ASP C 190 11.80 4.15 -12.51
N GLU C 191 11.16 3.99 -11.35
CA GLU C 191 11.38 2.84 -10.48
C GLU C 191 10.91 1.52 -11.11
N TYR C 192 10.08 1.55 -12.18
CA TYR C 192 9.62 0.34 -12.81
C TYR C 192 10.46 -0.03 -14.04
N GLU C 193 11.45 0.82 -14.44
CA GLU C 193 12.42 0.51 -15.47
C GLU C 193 11.74 -0.04 -16.73
N ASP C 194 10.67 0.64 -17.20
CA ASP C 194 9.89 0.10 -18.29
C ASP C 194 9.08 1.25 -18.91
N ASP C 195 9.45 1.61 -20.13
CA ASP C 195 8.89 2.84 -20.69
C ASP C 195 7.47 2.59 -21.25
N THR C 196 6.94 1.38 -21.15
CA THR C 196 5.54 1.14 -21.49
C THR C 196 4.72 0.79 -20.25
N PHE C 197 5.24 1.10 -19.07
CA PHE C 197 4.60 0.63 -17.85
C PHE C 197 3.18 1.18 -17.67
N GLU C 198 2.98 2.48 -17.96
CA GLU C 198 1.63 3.03 -17.80
C GLU C 198 0.63 2.36 -18.74
N GLN C 199 1.02 2.16 -20.00
CA GLN C 199 0.14 1.51 -20.96
C GLN C 199 -0.17 0.10 -20.50
N GLN C 200 0.85 -0.59 -19.93
CA GLN C 200 0.64 -1.94 -19.46
C GLN C 200 -0.42 -2.00 -18.37
N LEU C 201 -0.42 -1.01 -17.45
CA LEU C 201 -1.40 -0.97 -16.39
C LEU C 201 -2.78 -0.60 -16.90
N GLU C 202 -2.86 0.35 -17.84
CA GLU C 202 -4.13 0.66 -18.47
C GLU C 202 -4.77 -0.61 -19.04
N ASP C 203 -3.95 -1.40 -19.75
CA ASP C 203 -4.45 -2.58 -20.43
C ASP C 203 -4.98 -3.61 -19.42
N ILE C 204 -4.20 -3.88 -18.36
CA ILE C 204 -4.67 -4.78 -17.32
C ILE C 204 -5.90 -4.23 -16.63
N PHE C 205 -5.88 -2.94 -16.29
CA PHE C 205 -7.04 -2.35 -15.65
C PHE C 205 -8.28 -2.49 -16.55
N ALA C 206 -8.15 -2.24 -17.86
CA ALA C 206 -9.32 -2.33 -18.73
C ALA C 206 -9.90 -3.75 -18.74
N ASP C 207 -9.05 -4.77 -18.56
CA ASP C 207 -9.49 -6.17 -18.56
C ASP C 207 -10.27 -6.54 -17.31
N ILE C 208 -9.96 -5.92 -16.17
CA ILE C 208 -10.60 -6.25 -14.89
C ILE C 208 -11.75 -5.31 -14.56
N ARG C 209 -11.78 -4.14 -15.21
CA ARG C 209 -12.80 -3.14 -14.92
C ARG C 209 -14.22 -3.68 -15.08
N PRO C 210 -14.56 -4.56 -16.06
CA PRO C 210 -15.92 -5.09 -16.13
C PRO C 210 -16.37 -5.81 -14.87
N LEU C 211 -15.44 -6.61 -14.29
CA LEU C 211 -15.75 -7.31 -13.05
C LEU C 211 -16.00 -6.28 -11.94
N TYR C 212 -15.17 -5.23 -11.89
CA TYR C 212 -15.39 -4.19 -10.88
C TYR C 212 -16.81 -3.62 -11.02
N GLN C 213 -17.20 -3.33 -12.26
CA GLN C 213 -18.49 -2.72 -12.48
C GLN C 213 -19.60 -3.62 -11.98
N GLN C 214 -19.45 -4.95 -12.13
CA GLN C 214 -20.45 -5.89 -11.64
C GLN C 214 -20.53 -5.87 -10.12
N ILE C 215 -19.37 -5.77 -9.45
CA ILE C 215 -19.33 -5.77 -8.00
C ILE C 215 -19.97 -4.48 -7.49
N HIS C 216 -19.56 -3.37 -8.11
CA HIS C 216 -20.12 -2.07 -7.77
C HIS C 216 -21.65 -2.11 -7.83
N GLY C 217 -22.19 -2.61 -8.94
CA GLY C 217 -23.63 -2.65 -9.14
C GLY C 217 -24.37 -3.46 -8.11
N TYR C 218 -23.79 -4.60 -7.76
CA TYR C 218 -24.39 -5.49 -6.78
C TYR C 218 -24.34 -4.84 -5.39
N VAL C 219 -23.21 -4.20 -5.06
CA VAL C 219 -23.10 -3.59 -3.74
C VAL C 219 -24.12 -2.45 -3.61
N ARG C 220 -24.25 -1.62 -4.65
CA ARG C 220 -25.21 -0.52 -4.67
C ARG C 220 -26.62 -1.05 -4.45
N PHE C 221 -26.97 -2.11 -5.17
CA PHE C 221 -28.25 -2.79 -5.01
C PHE C 221 -28.49 -3.20 -3.57
N ARG C 222 -27.49 -3.87 -2.96
CA ARG C 222 -27.62 -4.32 -1.57
C ARG C 222 -27.69 -3.14 -0.62
N LEU C 223 -26.93 -2.08 -0.87
CA LEU C 223 -26.98 -0.93 0.00
C LEU C 223 -28.37 -0.25 -0.06
N ARG C 224 -28.99 -0.23 -1.24
CA ARG C 224 -30.35 0.30 -1.36
C ARG C 224 -31.33 -0.44 -0.45
N LYS C 225 -31.18 -1.76 -0.36
CA LYS C 225 -32.10 -2.53 0.46
C LYS C 225 -31.87 -2.24 1.93
N HIS C 226 -30.63 -1.88 2.30
CA HIS C 226 -30.32 -1.63 3.70
C HIS C 226 -30.73 -0.21 4.09
N TYR C 227 -30.29 0.78 3.31
CA TYR C 227 -30.46 2.17 3.72
C TYR C 227 -31.71 2.82 3.09
N GLY C 228 -32.21 2.24 2.00
CA GLY C 228 -33.32 2.82 1.25
C GLY C 228 -32.87 3.82 0.19
N ASP C 229 -33.81 4.16 -0.69
CA ASP C 229 -33.52 4.90 -1.90
C ASP C 229 -33.32 6.40 -1.63
N ALA C 230 -33.69 6.89 -0.45
CA ALA C 230 -33.37 8.27 -0.14
C ALA C 230 -31.86 8.45 0.13
N VAL C 231 -31.17 7.38 0.54
CA VAL C 231 -29.75 7.45 0.87
C VAL C 231 -28.90 6.99 -0.30
N VAL C 232 -29.34 5.93 -1.00
CA VAL C 232 -28.61 5.38 -2.15
C VAL C 232 -29.49 5.33 -3.38
N SER C 233 -29.08 5.95 -4.48
CA SER C 233 -29.83 5.89 -5.72
C SER C 233 -29.41 4.66 -6.52
N GLU C 234 -30.29 4.25 -7.42
CA GLU C 234 -30.03 3.13 -8.32
C GLU C 234 -28.96 3.49 -9.33
N THR C 235 -28.98 4.74 -9.83
CA THR C 235 -28.26 5.06 -11.04
C THR C 235 -27.04 5.94 -10.76
N GLY C 236 -26.91 6.48 -9.53
CA GLY C 236 -25.83 7.44 -9.28
C GLY C 236 -24.62 6.78 -8.62
N PRO C 237 -23.50 7.49 -8.48
CA PRO C 237 -22.37 6.95 -7.72
C PRO C 237 -22.75 6.60 -6.30
N ILE C 238 -22.06 5.63 -5.69
CA ILE C 238 -22.35 5.22 -4.33
C ILE C 238 -21.83 6.29 -3.38
N PRO C 239 -22.64 6.74 -2.39
CA PRO C 239 -22.12 7.58 -1.32
C PRO C 239 -21.07 6.84 -0.49
N MET C 240 -19.85 7.38 -0.51
CA MET C 240 -18.67 6.64 -0.13
C MET C 240 -18.59 6.33 1.36
N HIS C 241 -19.30 7.11 2.18
CA HIS C 241 -19.30 6.94 3.62
C HIS C 241 -20.04 5.69 4.07
N LEU C 242 -20.75 5.03 3.14
CA LEU C 242 -21.44 3.78 3.47
C LEU C 242 -20.60 2.56 3.20
N LEU C 243 -19.34 2.73 2.75
CA LEU C 243 -18.59 1.59 2.25
C LEU C 243 -17.58 1.05 3.28
N GLY C 244 -17.60 1.51 4.53
CA GLY C 244 -16.88 0.84 5.60
C GLY C 244 -15.41 1.28 5.74
N ASN C 245 -15.04 2.33 5.02
CA ASN C 245 -13.65 2.77 4.97
C ASN C 245 -13.66 4.25 4.64
N MET C 246 -12.76 5.00 5.31
CA MET C 246 -12.76 6.46 5.21
C MET C 246 -12.51 6.90 3.75
N TRP C 247 -11.78 6.10 2.95
CA TRP C 247 -11.43 6.45 1.58
C TRP C 247 -12.14 5.56 0.55
N ALA C 248 -13.05 4.70 1.02
CA ALA C 248 -13.73 3.68 0.23
C ALA C 248 -12.75 2.82 -0.57
N GLN C 249 -11.55 2.58 -0.02
CA GLN C 249 -10.52 1.89 -0.79
C GLN C 249 -10.75 0.36 -0.83
N GLN C 250 -11.44 -0.15 0.18
CA GLN C 250 -11.75 -1.54 0.41
C GLN C 250 -13.11 -1.52 1.09
N TRP C 251 -13.97 -2.49 0.76
CA TRP C 251 -15.36 -2.48 1.23
C TRP C 251 -15.66 -3.68 2.15
N SER C 252 -14.62 -4.35 2.64
CA SER C 252 -14.91 -5.59 3.33
C SER C 252 -15.60 -5.38 4.66
N GLU C 253 -15.55 -4.20 5.24
CA GLU C 253 -16.22 -3.98 6.53
C GLU C 253 -17.77 -3.99 6.37
N ILE C 254 -18.34 -3.89 5.16
CA ILE C 254 -19.80 -3.97 5.00
C ILE C 254 -20.23 -5.32 4.43
N ALA C 255 -19.33 -6.30 4.44
CA ALA C 255 -19.64 -7.62 3.93
C ALA C 255 -20.91 -8.21 4.58
N ASP C 256 -21.15 -7.94 5.85
CA ASP C 256 -22.28 -8.57 6.51
C ASP C 256 -23.60 -8.03 5.95
N ILE C 257 -23.59 -6.87 5.28
CA ILE C 257 -24.84 -6.39 4.69
C ILE C 257 -24.89 -6.58 3.18
N VAL C 258 -23.81 -7.01 2.52
CA VAL C 258 -23.87 -7.17 1.08
C VAL C 258 -23.47 -8.59 0.66
N SER C 259 -23.34 -9.55 1.59
CA SER C 259 -22.83 -10.86 1.19
C SER C 259 -23.87 -11.61 0.37
N PRO C 260 -23.40 -12.29 -0.69
CA PRO C 260 -24.29 -13.01 -1.57
C PRO C 260 -25.28 -13.93 -0.87
N PHE C 261 -24.81 -14.67 0.13
CA PHE C 261 -25.63 -15.68 0.79
C PHE C 261 -25.63 -15.43 2.28
N PRO C 262 -26.53 -14.55 2.77
CA PRO C 262 -26.51 -14.13 4.16
C PRO C 262 -26.80 -15.22 5.18
N GLU C 263 -27.44 -16.29 4.75
CA GLU C 263 -27.72 -17.38 5.65
C GLU C 263 -26.60 -18.42 5.68
N LYS C 264 -25.55 -18.22 4.86
CA LYS C 264 -24.41 -19.12 4.80
C LYS C 264 -23.21 -18.39 5.41
N PRO C 265 -22.16 -19.10 5.89
CA PRO C 265 -21.10 -18.46 6.65
C PRO C 265 -20.34 -17.38 5.87
N LEU C 266 -19.99 -16.36 6.63
CA LEU C 266 -19.10 -15.28 6.20
C LEU C 266 -17.98 -15.18 7.25
N VAL C 267 -16.76 -15.32 6.76
CA VAL C 267 -15.59 -15.43 7.63
C VAL C 267 -15.33 -14.07 8.24
N ASP C 268 -15.38 -14.05 9.57
CA ASP C 268 -14.98 -12.88 10.33
C ASP C 268 -14.47 -13.32 11.71
N VAL C 269 -13.13 -13.47 11.84
CA VAL C 269 -12.54 -14.11 13.02
C VAL C 269 -12.18 -13.17 14.15
N SER C 270 -12.48 -11.88 14.03
CA SER C 270 -12.13 -10.93 15.06
C SER C 270 -12.64 -11.39 16.42
N ALA C 271 -13.90 -11.86 16.48
CA ALA C 271 -14.52 -12.15 17.78
C ALA C 271 -13.85 -13.37 18.42
N GLU C 272 -13.47 -14.35 17.63
CA GLU C 272 -12.74 -15.49 18.12
C GLU C 272 -11.31 -15.13 18.55
N MET C 273 -10.64 -14.22 17.83
CA MET C 273 -9.33 -13.76 18.23
C MET C 273 -9.41 -13.18 19.64
N GLU C 274 -10.45 -12.37 19.90
CA GLU C 274 -10.63 -11.75 21.20
C GLU C 274 -10.97 -12.80 22.26
N LYS C 275 -11.84 -13.74 21.90
CA LYS C 275 -12.27 -14.75 22.83
C LYS C 275 -11.09 -15.61 23.24
N GLN C 276 -10.22 -15.97 22.28
CA GLN C 276 -9.01 -16.73 22.59
C GLN C 276 -7.86 -15.89 23.18
N GLY C 277 -8.08 -14.64 23.53
CA GLY C 277 -7.05 -13.85 24.21
C GLY C 277 -5.85 -13.42 23.33
N TYR C 278 -6.03 -13.32 22.02
CA TYR C 278 -4.95 -12.86 21.14
C TYR C 278 -4.50 -11.48 21.59
N THR C 279 -3.19 -11.21 21.42
CA THR C 279 -2.60 -9.91 21.64
C THR C 279 -1.81 -9.55 20.37
N PRO C 280 -1.42 -8.27 20.22
CA PRO C 280 -0.46 -7.88 19.18
C PRO C 280 0.79 -8.76 19.13
N LEU C 281 1.39 -9.07 20.30
CA LEU C 281 2.57 -9.92 20.33
C LEU C 281 2.29 -11.27 19.72
N LYS C 282 1.17 -11.90 20.12
CA LYS C 282 0.85 -13.19 19.54
C LYS C 282 0.65 -13.11 18.01
N MET C 283 -0.01 -12.06 17.53
CA MET C 283 -0.24 -11.89 16.08
C MET C 283 1.11 -11.79 15.34
N PHE C 284 2.07 -11.04 15.90
CA PHE C 284 3.41 -10.96 15.32
C PHE C 284 4.15 -12.29 15.39
N GLN C 285 4.04 -13.01 16.52
CA GLN C 285 4.65 -14.32 16.63
C GLN C 285 4.06 -15.26 15.62
N MET C 286 2.75 -15.17 15.38
CA MET C 286 2.17 -16.08 14.39
C MET C 286 2.64 -15.75 12.96
N GLY C 287 2.79 -14.45 12.65
CA GLY C 287 3.33 -14.10 11.33
C GLY C 287 4.76 -14.66 11.19
N ASP C 288 5.56 -14.54 12.26
CA ASP C 288 6.91 -15.08 12.25
C ASP C 288 6.87 -16.57 11.95
N ASP C 289 5.96 -17.28 12.66
CA ASP C 289 5.78 -18.70 12.42
C ASP C 289 5.48 -19.00 10.96
N PHE C 290 4.58 -18.20 10.34
CA PHE C 290 4.28 -18.44 8.93
C PHE C 290 5.56 -18.44 8.09
N PHE C 291 6.35 -17.37 8.19
CA PHE C 291 7.55 -17.29 7.37
C PHE C 291 8.49 -18.46 7.68
N THR C 292 8.75 -18.71 8.97
CA THR C 292 9.73 -19.75 9.30
C THR C 292 9.21 -21.09 8.87
N SER C 293 7.87 -21.28 8.81
CA SER C 293 7.27 -22.53 8.35
C SER C 293 7.58 -22.79 6.90
N MET C 294 7.87 -21.71 6.16
CA MET C 294 8.14 -21.86 4.74
C MET C 294 9.66 -21.93 4.52
N ASN C 295 10.43 -22.04 5.60
CA ASN C 295 11.89 -22.10 5.50
C ASN C 295 12.47 -20.74 5.10
N LEU C 296 11.83 -19.66 5.55
CA LEU C 296 12.34 -18.30 5.38
C LEU C 296 12.85 -17.84 6.73
N THR C 297 13.34 -16.60 6.78
CA THR C 297 14.18 -16.15 7.86
C THR C 297 13.31 -15.72 9.03
N LYS C 298 13.68 -16.21 10.22
CA LYS C 298 13.07 -15.83 11.49
C LYS C 298 13.35 -14.38 11.84
N LEU C 299 12.44 -13.73 12.53
CA LEU C 299 12.72 -12.37 12.95
C LEU C 299 13.88 -12.33 13.95
N PRO C 300 14.80 -11.38 13.80
CA PRO C 300 15.90 -11.26 14.74
C PRO C 300 15.53 -10.54 16.02
N GLN C 301 16.38 -10.65 17.05
CA GLN C 301 16.06 -10.12 18.37
C GLN C 301 15.85 -8.61 18.36
N ASP C 302 16.59 -7.86 17.54
CA ASP C 302 16.36 -6.44 17.39
C ASP C 302 14.91 -6.10 17.02
N PHE C 303 14.31 -6.92 16.19
CA PHE C 303 12.91 -6.67 15.80
C PHE C 303 12.03 -6.64 17.06
N TRP C 304 12.22 -7.66 17.92
CA TRP C 304 11.37 -7.76 19.11
C TRP C 304 11.71 -6.68 20.11
N ASP C 305 13.02 -6.35 20.25
CA ASP C 305 13.45 -5.37 21.21
C ASP C 305 13.03 -3.97 20.84
N LYS C 306 13.02 -3.63 19.53
CA LYS C 306 12.87 -2.23 19.17
C LYS C 306 11.57 -1.87 18.41
N SER C 307 10.76 -2.86 17.99
CA SER C 307 9.51 -2.57 17.28
C SER C 307 8.50 -1.99 18.26
N ILE C 308 7.55 -1.21 17.72
CA ILE C 308 6.41 -0.69 18.45
C ILE C 308 5.17 -1.35 17.84
N ILE C 309 4.55 -2.27 18.58
CA ILE C 309 3.50 -3.11 18.01
C ILE C 309 2.18 -2.82 18.70
N GLU C 310 2.14 -1.79 19.52
CA GLU C 310 0.85 -1.32 20.00
C GLU C 310 0.93 0.18 20.22
N LYS C 311 -0.23 0.83 20.15
CA LYS C 311 -0.30 2.28 20.27
C LYS C 311 0.12 2.69 21.67
N PRO C 312 1.13 3.58 21.82
CA PRO C 312 1.50 4.08 23.14
C PRO C 312 0.32 4.66 23.90
N THR C 313 0.32 4.49 25.23
CA THR C 313 -0.75 5.00 26.07
C THR C 313 -0.37 6.30 26.76
N ASP C 314 0.76 6.92 26.42
CA ASP C 314 1.27 8.05 27.17
C ASP C 314 0.82 9.41 26.59
N GLY C 315 -0.14 9.42 25.67
CA GLY C 315 -0.70 10.65 25.14
C GLY C 315 0.20 11.39 24.13
N ARG C 316 1.33 10.80 23.72
CA ARG C 316 2.16 11.44 22.71
C ARG C 316 1.49 11.41 21.34
N ASP C 317 1.92 12.32 20.46
CA ASP C 317 1.57 12.23 19.05
C ASP C 317 2.58 11.31 18.34
N LEU C 318 2.05 10.51 17.40
CA LEU C 318 2.89 9.64 16.58
C LEU C 318 2.13 9.37 15.26
N VAL C 319 2.86 8.86 14.27
CA VAL C 319 2.25 8.30 13.09
C VAL C 319 1.84 6.86 13.37
N CYS C 320 0.51 6.60 13.33
CA CYS C 320 0.01 5.24 13.55
C CYS C 320 -0.12 4.44 12.25
N HIS C 321 -0.01 5.10 11.08
CA HIS C 321 -0.07 4.34 9.83
C HIS C 321 1.02 3.27 9.80
N ALA C 322 0.63 2.00 9.68
CA ALA C 322 1.53 0.86 9.83
C ALA C 322 2.69 0.94 8.85
N SER C 323 3.92 0.68 9.33
CA SER C 323 5.12 0.79 8.49
C SER C 323 6.19 -0.18 8.96
N ALA C 324 7.06 -0.55 7.99
CA ALA C 324 8.18 -1.45 8.17
C ALA C 324 9.48 -0.70 7.81
N TRP C 325 10.49 -0.87 8.66
CA TRP C 325 11.70 -0.05 8.65
C TRP C 325 12.97 -0.90 8.54
N ASP C 326 13.82 -0.52 7.58
CA ASP C 326 15.12 -1.14 7.42
C ASP C 326 16.19 -0.17 7.91
N PHE C 327 17.05 -0.59 8.87
CA PHE C 327 18.04 0.33 9.43
C PHE C 327 19.41 0.23 8.76
N TYR C 328 19.53 -0.72 7.83
CA TYR C 328 20.63 -0.83 6.87
C TYR C 328 21.93 -1.30 7.52
N LEU C 329 21.82 -1.97 8.66
CA LEU C 329 22.98 -2.62 9.25
C LEU C 329 22.81 -4.10 9.02
N ILE C 330 22.96 -4.93 10.06
CA ILE C 330 22.65 -6.34 10.00
C ILE C 330 21.53 -6.60 11.02
N ASP C 331 20.37 -7.08 10.57
CA ASP C 331 19.29 -7.54 11.44
C ASP C 331 18.67 -6.44 12.28
N ASP C 332 18.95 -5.16 12.01
CA ASP C 332 18.17 -4.14 12.68
C ASP C 332 17.01 -3.76 11.74
N VAL C 333 15.87 -4.42 11.96
CA VAL C 333 14.66 -4.22 11.19
C VAL C 333 13.49 -4.12 12.18
N ARG C 334 12.48 -3.29 11.88
CA ARG C 334 11.47 -2.97 12.88
C ARG C 334 10.13 -2.68 12.20
N ILE C 335 9.03 -2.96 12.92
CA ILE C 335 7.70 -2.49 12.54
C ILE C 335 7.21 -1.50 13.59
N LYS C 336 6.47 -0.51 13.11
CA LYS C 336 5.69 0.41 13.94
C LYS C 336 4.24 0.25 13.52
N GLN C 337 3.45 -0.43 14.37
CA GLN C 337 2.04 -0.69 14.06
C GLN C 337 1.21 -0.49 15.32
N CYS C 338 0.12 0.28 15.20
CA CYS C 338 -0.82 0.47 16.30
C CYS C 338 -1.83 -0.68 16.28
N THR C 339 -1.35 -1.87 16.63
CA THR C 339 -1.99 -3.13 16.32
C THR C 339 -3.29 -3.28 17.11
N ARG C 340 -4.33 -3.72 16.41
CA ARG C 340 -5.60 -4.07 17.04
C ARG C 340 -5.86 -5.53 16.76
N VAL C 341 -6.71 -6.14 17.59
CA VAL C 341 -6.93 -7.56 17.51
C VAL C 341 -8.14 -7.78 16.61
N THR C 342 -7.93 -7.75 15.28
CA THR C 342 -9.01 -7.94 14.32
C THR C 342 -8.46 -8.81 13.21
N GLN C 343 -9.37 -9.38 12.42
CA GLN C 343 -9.04 -10.13 11.23
C GLN C 343 -8.21 -9.26 10.27
N ASP C 344 -8.69 -8.06 9.97
CA ASP C 344 -8.01 -7.19 9.01
C ASP C 344 -6.59 -6.90 9.51
N GLN C 345 -6.44 -6.70 10.82
CA GLN C 345 -5.12 -6.41 11.41
C GLN C 345 -4.17 -7.61 11.36
N LEU C 346 -4.70 -8.83 11.49
CA LEU C 346 -3.91 -10.03 11.30
C LEU C 346 -3.29 -10.01 9.89
N PHE C 347 -4.06 -9.59 8.89
CA PHE C 347 -3.55 -9.48 7.54
C PHE C 347 -2.50 -8.38 7.43
N THR C 348 -2.72 -7.24 8.05
CA THR C 348 -1.77 -6.16 8.07
C THR C 348 -0.44 -6.60 8.71
N VAL C 349 -0.47 -7.43 9.76
CA VAL C 349 0.76 -7.88 10.41
C VAL C 349 1.54 -8.69 9.38
N HIS C 350 0.87 -9.57 8.67
CA HIS C 350 1.55 -10.37 7.66
C HIS C 350 2.09 -9.49 6.51
N HIS C 351 1.32 -8.49 6.09
CA HIS C 351 1.78 -7.54 5.08
C HIS C 351 3.12 -6.91 5.50
N GLU C 352 3.15 -6.27 6.69
CA GLU C 352 4.34 -5.58 7.19
C GLU C 352 5.52 -6.54 7.31
N LEU C 353 5.23 -7.78 7.75
CA LEU C 353 6.30 -8.74 7.98
C LEU C 353 6.84 -9.19 6.63
N GLY C 354 6.06 -9.07 5.56
CA GLY C 354 6.62 -9.32 4.22
C GLY C 354 7.72 -8.30 3.83
N HIS C 355 7.54 -7.05 4.25
CA HIS C 355 8.59 -6.06 4.02
C HIS C 355 9.82 -6.43 4.85
N ILE C 356 9.61 -6.87 6.11
CA ILE C 356 10.73 -7.22 6.97
C ILE C 356 11.50 -8.38 6.31
N GLN C 357 10.79 -9.41 5.88
CA GLN C 357 11.43 -10.55 5.26
C GLN C 357 12.31 -10.12 4.07
N TYR C 358 11.77 -9.17 3.27
CA TYR C 358 12.47 -8.71 2.08
C TYR C 358 13.80 -8.08 2.53
N PHE C 359 13.76 -7.26 3.57
CA PHE C 359 14.93 -6.60 4.11
C PHE C 359 16.00 -7.59 4.53
N LEU C 360 15.55 -8.70 5.17
CA LEU C 360 16.44 -9.69 5.70
C LEU C 360 17.05 -10.45 4.54
N GLN C 361 16.26 -10.70 3.51
CA GLN C 361 16.72 -11.50 2.38
C GLN C 361 17.79 -10.77 1.55
N TYR C 362 17.70 -9.45 1.44
CA TYR C 362 18.62 -8.69 0.60
C TYR C 362 19.70 -7.95 1.38
N GLN C 363 19.81 -8.17 2.69
CA GLN C 363 20.67 -7.32 3.48
C GLN C 363 22.16 -7.55 3.19
N HIS C 364 22.50 -8.63 2.50
CA HIS C 364 23.89 -8.88 2.14
C HIS C 364 24.20 -8.19 0.80
N GLN C 365 23.22 -7.61 0.11
CA GLN C 365 23.50 -6.94 -1.16
C GLN C 365 24.25 -5.64 -0.91
N PRO C 366 24.96 -5.08 -1.90
CA PRO C 366 25.37 -3.68 -1.78
C PRO C 366 24.20 -2.77 -1.49
N PHE C 367 24.47 -1.69 -0.76
CA PHE C 367 23.49 -0.71 -0.33
C PHE C 367 22.50 -0.34 -1.46
N VAL C 368 22.99 -0.02 -2.67
CA VAL C 368 22.08 0.47 -3.72
C VAL C 368 21.07 -0.60 -4.16
N TYR C 369 21.38 -1.88 -3.91
CA TYR C 369 20.53 -2.99 -4.28
C TYR C 369 19.61 -3.43 -3.11
N ARG C 370 19.68 -2.73 -1.96
CA ARG C 370 18.90 -3.11 -0.79
C ARG C 370 17.55 -2.42 -0.85
N THR C 371 16.78 -2.83 -1.83
CA THR C 371 15.44 -2.33 -2.04
C THR C 371 14.73 -3.35 -2.90
N GLY C 372 13.42 -3.17 -3.11
CA GLY C 372 12.65 -4.12 -3.89
C GLY C 372 13.03 -4.14 -5.37
N ALA C 373 12.68 -5.22 -6.05
CA ALA C 373 12.92 -5.29 -7.48
C ALA C 373 12.18 -4.17 -8.23
N ASN C 374 10.96 -3.90 -7.80
CA ASN C 374 10.28 -2.64 -8.00
C ASN C 374 9.41 -2.42 -6.77
N PRO C 375 8.90 -1.20 -6.53
CA PRO C 375 8.11 -0.91 -5.33
C PRO C 375 6.91 -1.84 -5.14
N GLY C 376 6.28 -2.28 -6.25
CA GLY C 376 5.18 -3.22 -6.17
C GLY C 376 5.62 -4.58 -5.61
N PHE C 377 6.85 -5.01 -5.92
CA PHE C 377 7.32 -6.30 -5.39
C PHE C 377 7.32 -6.24 -3.87
N HIS C 378 7.80 -5.14 -3.32
CA HIS C 378 7.90 -4.98 -1.88
C HIS C 378 6.53 -5.10 -1.22
N GLU C 379 5.51 -4.45 -1.80
CA GLU C 379 4.18 -4.47 -1.21
C GLU C 379 3.51 -5.83 -1.40
N ALA C 380 3.92 -6.62 -2.39
CA ALA C 380 3.24 -7.87 -2.69
C ALA C 380 3.60 -9.00 -1.70
N VAL C 381 4.82 -8.96 -1.13
CA VAL C 381 5.33 -10.16 -0.47
C VAL C 381 4.37 -10.66 0.60
N GLY C 382 4.05 -9.79 1.54
CA GLY C 382 3.28 -10.16 2.71
C GLY C 382 1.83 -10.42 2.35
N ASP C 383 1.36 -9.81 1.26
CA ASP C 383 -0.01 -10.07 0.81
C ASP C 383 -0.19 -11.50 0.29
N VAL C 384 0.86 -12.05 -0.30
CA VAL C 384 0.82 -13.44 -0.74
C VAL C 384 0.52 -14.35 0.44
N LEU C 385 1.17 -14.10 1.60
CA LEU C 385 0.89 -14.88 2.81
C LEU C 385 -0.52 -14.54 3.32
N SER C 386 -0.91 -13.27 3.34
CA SER C 386 -2.26 -12.88 3.80
C SER C 386 -3.37 -13.56 2.99
N LEU C 387 -3.16 -13.76 1.69
CA LEU C 387 -4.12 -14.48 0.89
C LEU C 387 -4.33 -15.88 1.49
N SER C 388 -3.22 -16.56 1.86
CA SER C 388 -3.29 -17.87 2.50
C SER C 388 -3.96 -17.78 3.85
N VAL C 389 -3.54 -16.80 4.66
CA VAL C 389 -4.05 -16.65 6.01
C VAL C 389 -5.57 -16.49 5.98
N SER C 390 -6.09 -15.82 4.94
CA SER C 390 -7.51 -15.48 4.85
C SER C 390 -8.37 -16.71 4.51
N THR C 391 -7.76 -17.80 4.03
CA THR C 391 -8.53 -18.95 3.56
C THR C 391 -9.22 -19.64 4.73
N PRO C 392 -10.44 -20.17 4.50
CA PRO C 392 -11.05 -21.06 5.47
C PRO C 392 -10.12 -22.20 5.88
N LYS C 393 -9.38 -22.74 4.94
CA LYS C 393 -8.42 -23.80 5.23
C LYS C 393 -7.46 -23.41 6.35
N HIS C 394 -6.81 -22.23 6.21
CA HIS C 394 -5.81 -21.84 7.18
C HIS C 394 -6.48 -21.48 8.50
N LEU C 395 -7.59 -20.78 8.41
CA LEU C 395 -8.23 -20.24 9.60
C LEU C 395 -8.84 -21.36 10.45
N GLU C 396 -9.27 -22.45 9.84
CA GLU C 396 -9.65 -23.63 10.60
C GLU C 396 -8.45 -24.29 11.30
N LYS C 397 -7.33 -24.46 10.60
CA LYS C 397 -6.08 -25.01 11.12
C LYS C 397 -5.61 -24.27 12.39
N ILE C 398 -5.78 -22.95 12.49
CA ILE C 398 -5.32 -22.20 13.64
C ILE C 398 -6.45 -21.96 14.62
N GLY C 399 -7.61 -22.58 14.42
CA GLY C 399 -8.62 -22.59 15.47
C GLY C 399 -9.47 -21.32 15.50
N LEU C 400 -9.41 -20.48 14.45
CA LEU C 400 -10.07 -19.18 14.50
C LEU C 400 -11.46 -19.28 13.84
N LEU C 401 -11.65 -20.27 12.97
CA LEU C 401 -12.89 -20.46 12.22
C LEU C 401 -13.48 -21.82 12.60
N LYS C 402 -14.67 -21.81 13.21
CA LYS C 402 -15.28 -23.03 13.76
C LYS C 402 -16.58 -23.34 13.02
N ASP C 403 -16.84 -24.65 12.84
CA ASP C 403 -18.10 -25.19 12.34
C ASP C 403 -18.40 -24.68 10.93
N TYR C 404 -17.35 -24.59 10.11
CA TYR C 404 -17.45 -24.03 8.78
C TYR C 404 -17.73 -25.15 7.80
N VAL C 405 -18.74 -25.00 6.94
CA VAL C 405 -18.97 -25.94 5.87
C VAL C 405 -18.71 -25.20 4.56
N ARG C 406 -17.82 -25.75 3.73
CA ARG C 406 -17.38 -25.05 2.53
C ARG C 406 -18.22 -25.50 1.33
N ASP C 407 -19.52 -25.23 1.35
CA ASP C 407 -20.35 -25.53 0.18
C ASP C 407 -20.18 -24.42 -0.85
N ASP C 408 -20.92 -24.53 -1.96
CA ASP C 408 -20.82 -23.60 -3.08
C ASP C 408 -21.12 -22.16 -2.66
N GLU C 409 -22.10 -22.01 -1.78
CA GLU C 409 -22.57 -20.71 -1.36
C GLU C 409 -21.56 -20.09 -0.41
N ALA C 410 -21.01 -20.87 0.54
CA ALA C 410 -19.96 -20.32 1.38
C ALA C 410 -18.77 -19.91 0.51
N ARG C 411 -18.47 -20.66 -0.54
CA ARG C 411 -17.33 -20.30 -1.36
C ARG C 411 -17.54 -18.96 -2.09
N ILE C 412 -18.74 -18.76 -2.62
CA ILE C 412 -19.07 -17.48 -3.22
C ILE C 412 -18.99 -16.35 -2.18
N ASN C 413 -19.51 -16.56 -0.98
CA ASN C 413 -19.38 -15.56 0.06
C ASN C 413 -17.90 -15.18 0.32
N GLN C 414 -17.02 -16.19 0.29
CA GLN C 414 -15.60 -15.93 0.60
C GLN C 414 -14.90 -15.24 -0.58
N LEU C 415 -15.20 -15.69 -1.81
CA LEU C 415 -14.70 -15.03 -2.99
C LEU C 415 -15.15 -13.56 -3.02
N PHE C 416 -16.41 -13.31 -2.70
CA PHE C 416 -16.93 -11.95 -2.75
C PHE C 416 -16.21 -11.10 -1.70
N LEU C 417 -16.09 -11.61 -0.49
CA LEU C 417 -15.39 -10.96 0.60
C LEU C 417 -13.98 -10.60 0.15
N THR C 418 -13.26 -11.51 -0.51
CA THR C 418 -11.92 -11.22 -0.99
C THR C 418 -11.96 -10.09 -2.04
N ALA C 419 -12.95 -10.16 -2.94
CA ALA C 419 -13.05 -9.18 -4.01
C ALA C 419 -13.33 -7.77 -3.46
N LEU C 420 -14.09 -7.70 -2.36
CA LEU C 420 -14.38 -6.41 -1.75
C LEU C 420 -13.08 -5.73 -1.31
N ASP C 421 -11.99 -6.49 -1.11
CA ASP C 421 -10.66 -5.93 -0.83
C ASP C 421 -9.84 -5.84 -2.12
N LYS C 422 -9.73 -6.92 -2.87
CA LYS C 422 -8.73 -7.02 -3.92
C LYS C 422 -9.15 -6.42 -5.27
N ILE C 423 -10.43 -6.50 -5.64
CA ILE C 423 -10.85 -5.94 -6.93
C ILE C 423 -11.24 -4.47 -6.72
N VAL C 424 -12.00 -4.20 -5.65
CA VAL C 424 -12.45 -2.84 -5.37
C VAL C 424 -11.28 -1.85 -5.29
N PHE C 425 -10.17 -2.30 -4.72
CA PHE C 425 -9.00 -1.45 -4.55
C PHE C 425 -8.32 -1.04 -5.84
N LEU C 426 -8.46 -1.80 -6.93
CA LEU C 426 -7.69 -1.52 -8.12
C LEU C 426 -7.98 -0.09 -8.65
N PRO C 427 -9.24 0.31 -8.92
CA PRO C 427 -9.45 1.66 -9.40
C PRO C 427 -9.07 2.70 -8.37
N PHE C 428 -9.26 2.41 -7.07
CA PHE C 428 -8.85 3.34 -6.02
C PHE C 428 -7.36 3.66 -6.14
N ALA C 429 -6.55 2.60 -6.27
CA ALA C 429 -5.10 2.77 -6.24
C ALA C 429 -4.63 3.47 -7.50
N PHE C 430 -5.26 3.15 -8.64
CA PHE C 430 -4.90 3.82 -9.86
C PHE C 430 -5.17 5.33 -9.74
N THR C 431 -6.31 5.71 -9.11
CA THR C 431 -6.65 7.12 -9.08
C THR C 431 -5.70 7.94 -8.20
N MET C 432 -5.15 7.35 -7.14
CA MET C 432 -4.28 8.10 -6.23
C MET C 432 -3.09 8.65 -7.01
N ASP C 433 -2.49 7.82 -7.88
CA ASP C 433 -1.39 8.29 -8.69
C ASP C 433 -1.86 8.99 -9.96
N LYS C 434 -2.97 8.59 -10.58
CA LYS C 434 -3.40 9.39 -11.71
C LYS C 434 -3.60 10.85 -11.30
N TYR C 435 -4.19 11.05 -10.12
CA TYR C 435 -4.40 12.41 -9.64
C TYR C 435 -3.07 13.13 -9.51
N ARG C 436 -2.17 12.55 -8.70
CA ARG C 436 -0.92 13.24 -8.41
C ARG C 436 -0.10 13.47 -9.67
N TRP C 437 -0.07 12.47 -10.57
CA TRP C 437 0.65 12.64 -11.81
C TRP C 437 0.11 13.85 -12.58
N SER C 438 -1.21 13.99 -12.63
CA SER C 438 -1.84 15.08 -13.37
C SER C 438 -1.44 16.44 -12.79
N LEU C 439 -1.27 16.56 -11.46
CA LEU C 439 -0.80 17.79 -10.83
C LEU C 439 0.68 18.01 -11.12
N PHE C 440 1.46 16.94 -10.96
CA PHE C 440 2.91 16.98 -11.20
C PHE C 440 3.22 17.42 -12.62
N ARG C 441 2.44 16.89 -13.58
CA ARG C 441 2.66 17.20 -14.99
C ARG C 441 2.07 18.56 -15.40
N GLY C 442 1.38 19.25 -14.50
CA GLY C 442 0.89 20.58 -14.82
C GLY C 442 -0.37 20.50 -15.69
N GLU C 443 -1.11 19.41 -15.61
CA GLU C 443 -2.24 19.19 -16.49
C GLU C 443 -3.51 19.76 -15.89
N VAL C 444 -3.51 20.13 -14.62
CA VAL C 444 -4.71 20.64 -14.00
C VAL C 444 -4.39 22.04 -13.46
N ASP C 445 -5.22 23.02 -13.78
CA ASP C 445 -5.02 24.35 -13.18
C ASP C 445 -5.41 24.32 -11.71
N LYS C 446 -4.73 25.15 -10.89
CA LYS C 446 -4.87 25.16 -9.43
C LYS C 446 -6.30 25.45 -9.02
N ALA C 447 -7.00 26.22 -9.84
CA ALA C 447 -8.41 26.49 -9.62
C ALA C 447 -9.26 25.22 -9.63
N ASN C 448 -8.79 24.11 -10.23
CA ASN C 448 -9.64 22.94 -10.42
C ASN C 448 -9.11 21.70 -9.69
N TRP C 449 -8.18 21.88 -8.73
CA TRP C 449 -7.51 20.77 -8.09
C TRP C 449 -8.42 19.86 -7.29
N ASN C 450 -9.42 20.41 -6.58
CA ASN C 450 -10.27 19.56 -5.77
C ASN C 450 -11.23 18.76 -6.63
N CYS C 451 -11.90 19.42 -7.59
CA CYS C 451 -12.87 18.71 -8.39
C CYS C 451 -12.15 17.72 -9.32
N ALA C 452 -10.89 17.99 -9.69
CA ALA C 452 -10.12 17.02 -10.47
C ALA C 452 -9.93 15.70 -9.69
N PHE C 453 -9.82 15.78 -8.36
CA PHE C 453 -9.72 14.59 -7.51
C PHE C 453 -11.04 13.82 -7.56
N TRP C 454 -12.14 14.49 -7.18
CA TRP C 454 -13.42 13.81 -7.13
C TRP C 454 -13.88 13.32 -8.51
N LYS C 455 -13.48 14.02 -9.58
CA LYS C 455 -13.80 13.55 -10.92
C LYS C 455 -13.15 12.18 -11.19
N LEU C 456 -11.88 12.01 -10.82
CA LEU C 456 -11.22 10.72 -10.97
C LEU C 456 -11.89 9.64 -10.14
N ARG C 457 -12.24 9.94 -8.86
CA ARG C 457 -12.86 8.94 -8.00
C ARG C 457 -14.21 8.47 -8.56
N ASP C 458 -14.94 9.42 -9.20
CA ASP C 458 -16.21 9.13 -9.86
C ASP C 458 -15.93 8.23 -11.07
N GLU C 459 -15.15 8.73 -12.01
CA GLU C 459 -14.92 8.05 -13.29
C GLU C 459 -14.43 6.61 -13.07
N TYR C 460 -13.47 6.39 -12.17
CA TYR C 460 -12.89 5.06 -11.98
C TYR C 460 -13.60 4.20 -10.95
N SER C 461 -14.02 4.72 -9.78
CA SER C 461 -14.58 3.92 -8.72
C SER C 461 -16.09 4.06 -8.56
N GLY C 462 -16.73 5.08 -9.15
CA GLY C 462 -18.17 5.19 -9.05
C GLY C 462 -18.59 5.48 -7.63
N ILE C 463 -17.75 6.25 -6.90
CA ILE C 463 -18.11 6.69 -5.56
C ILE C 463 -18.10 8.22 -5.56
N GLU C 464 -18.68 8.82 -4.49
CA GLU C 464 -18.67 10.27 -4.37
C GLU C 464 -18.76 10.62 -2.88
N PRO C 465 -18.36 11.86 -2.50
CA PRO C 465 -18.54 12.32 -1.13
C PRO C 465 -19.99 12.26 -0.68
N PRO C 466 -20.18 12.19 0.65
CA PRO C 466 -21.51 12.21 1.26
C PRO C 466 -22.18 13.59 1.24
N VAL C 467 -21.38 14.64 1.06
CA VAL C 467 -21.84 16.02 1.10
C VAL C 467 -21.22 16.71 -0.10
N VAL C 468 -21.82 17.83 -0.50
CA VAL C 468 -21.29 18.61 -1.59
C VAL C 468 -19.98 19.28 -1.16
N ARG C 469 -18.94 19.11 -1.98
CA ARG C 469 -17.64 19.72 -1.85
C ARG C 469 -17.48 20.73 -2.98
N SER C 470 -16.41 21.51 -2.88
CA SER C 470 -16.10 22.56 -3.81
C SER C 470 -14.60 22.77 -3.77
N GLU C 471 -14.17 23.76 -4.57
CA GLU C 471 -12.79 24.18 -4.58
C GLU C 471 -12.43 24.91 -3.29
N LYS C 472 -13.40 25.10 -2.41
CA LYS C 472 -13.04 25.60 -1.09
C LYS C 472 -12.50 24.45 -0.24
N ASP C 473 -12.79 23.20 -0.59
CA ASP C 473 -12.26 22.08 0.16
C ASP C 473 -11.01 21.61 -0.56
N PHE C 474 -10.19 20.79 0.10
CA PHE C 474 -9.06 20.15 -0.56
C PHE C 474 -8.88 18.76 0.03
N ASP C 475 -9.42 17.74 -0.66
CA ASP C 475 -9.70 16.45 -0.03
C ASP C 475 -8.57 15.43 -0.16
N ALA C 476 -7.71 15.56 -1.18
CA ALA C 476 -6.78 14.50 -1.48
C ALA C 476 -5.87 14.20 -0.29
N PRO C 477 -5.33 15.21 0.44
CA PRO C 477 -4.43 14.95 1.58
C PRO C 477 -5.06 14.25 2.77
N ALA C 478 -6.37 14.03 2.76
CA ALA C 478 -7.02 13.25 3.79
C ALA C 478 -6.62 11.78 3.70
N LYS C 479 -5.95 11.37 2.62
CA LYS C 479 -5.39 10.04 2.51
C LYS C 479 -3.92 10.09 2.91
N TYR C 480 -3.52 9.18 3.79
CA TYR C 480 -2.22 9.24 4.44
C TYR C 480 -1.09 9.44 3.43
N HIS C 481 -1.05 8.55 2.45
CA HIS C 481 0.02 8.54 1.46
C HIS C 481 0.15 9.87 0.71
N ILE C 482 -0.96 10.60 0.55
CA ILE C 482 -0.90 11.87 -0.15
C ILE C 482 -0.26 12.91 0.77
N SER C 483 -0.68 12.97 2.03
CA SER C 483 -0.03 13.86 3.00
C SER C 483 1.42 13.46 3.20
N ALA C 484 1.76 12.16 3.11
CA ALA C 484 3.08 11.68 3.49
C ALA C 484 4.03 11.55 2.30
N ASP C 485 3.58 11.89 1.09
CA ASP C 485 4.42 11.83 -0.10
C ASP C 485 4.95 10.42 -0.34
N VAL C 486 4.03 9.46 -0.29
CA VAL C 486 4.31 8.07 -0.62
C VAL C 486 3.62 7.71 -1.93
N GLU C 487 4.42 7.30 -2.93
CA GLU C 487 3.93 6.85 -4.22
C GLU C 487 2.94 5.70 -4.00
N TYR C 488 1.83 5.70 -4.76
CA TYR C 488 0.71 4.78 -4.55
C TYR C 488 0.64 3.68 -5.61
N LEU C 489 1.27 3.86 -6.76
CA LEU C 489 1.21 2.86 -7.81
C LEU C 489 1.82 1.51 -7.39
N ARG C 490 2.77 1.51 -6.45
CA ARG C 490 3.28 0.30 -5.86
C ARG C 490 2.13 -0.62 -5.45
N TYR C 491 1.05 -0.07 -4.86
CA TYR C 491 -0.03 -0.91 -4.41
C TYR C 491 -0.90 -1.45 -5.54
N LEU C 492 -1.11 -0.69 -6.62
CA LEU C 492 -1.77 -1.23 -7.78
C LEU C 492 -0.96 -2.40 -8.38
N VAL C 493 0.33 -2.18 -8.54
CA VAL C 493 1.21 -3.20 -9.08
C VAL C 493 1.16 -4.44 -8.18
N SER C 494 1.31 -4.25 -6.89
CA SER C 494 1.21 -5.33 -5.90
C SER C 494 -0.06 -6.17 -6.05
N PHE C 495 -1.21 -5.51 -6.17
CA PHE C 495 -2.49 -6.20 -6.19
C PHE C 495 -2.65 -7.04 -7.48
N ILE C 496 -1.93 -6.74 -8.54
CA ILE C 496 -1.85 -7.56 -9.75
C ILE C 496 -0.81 -8.66 -9.54
N ILE C 497 0.43 -8.30 -9.22
CA ILE C 497 1.46 -9.32 -9.24
C ILE C 497 1.31 -10.28 -8.04
N GLN C 498 0.74 -9.87 -6.92
CA GLN C 498 0.60 -10.80 -5.79
C GLN C 498 -0.15 -12.07 -6.19
N PHE C 499 -1.05 -11.97 -7.20
CA PHE C 499 -1.80 -13.13 -7.66
C PHE C 499 -0.93 -14.02 -8.53
N GLN C 500 0.00 -13.43 -9.26
CA GLN C 500 1.00 -14.19 -10.02
C GLN C 500 1.88 -14.97 -9.02
N PHE C 501 2.34 -14.30 -7.96
CA PHE C 501 3.14 -15.00 -6.95
C PHE C 501 2.34 -16.06 -6.20
N TYR C 502 1.11 -15.71 -5.78
CA TYR C 502 0.25 -16.62 -5.06
C TYR C 502 -0.03 -17.88 -5.89
N LYS C 503 -0.46 -17.70 -7.12
CA LYS C 503 -0.76 -18.84 -7.97
C LYS C 503 0.46 -19.77 -8.08
N SER C 504 1.62 -19.18 -8.35
CA SER C 504 2.85 -19.95 -8.55
C SER C 504 3.28 -20.65 -7.26
N ALA C 505 3.18 -19.96 -6.11
CA ALA C 505 3.51 -20.54 -4.82
C ALA C 505 2.58 -21.70 -4.50
N CYS C 506 1.28 -21.52 -4.76
CA CYS C 506 0.28 -22.54 -4.56
C CYS C 506 0.55 -23.78 -5.40
N ILE C 507 0.91 -23.57 -6.67
CA ILE C 507 1.29 -24.67 -7.54
C ILE C 507 2.50 -25.40 -6.98
N LYS C 508 3.56 -24.68 -6.60
CA LYS C 508 4.75 -25.30 -6.02
C LYS C 508 4.45 -26.03 -4.72
N ALA C 509 3.43 -25.57 -3.99
CA ALA C 509 3.12 -26.15 -2.70
C ALA C 509 2.23 -27.39 -2.84
N GLY C 510 1.78 -27.70 -4.06
CA GLY C 510 0.82 -28.76 -4.25
C GLY C 510 -0.59 -28.37 -3.80
N GLN C 511 -0.88 -27.07 -3.73
CA GLN C 511 -2.12 -26.59 -3.17
C GLN C 511 -3.07 -26.07 -4.26
N TYR C 512 -2.67 -26.07 -5.53
CA TYR C 512 -3.57 -25.62 -6.57
C TYR C 512 -3.32 -26.46 -7.80
N ASP C 513 -4.41 -26.97 -8.34
CA ASP C 513 -4.39 -27.63 -9.61
C ASP C 513 -5.72 -27.24 -10.22
N PRO C 514 -5.70 -26.57 -11.40
CA PRO C 514 -6.93 -26.10 -12.03
C PRO C 514 -7.89 -27.22 -12.41
N ASP C 515 -7.38 -28.45 -12.52
CA ASP C 515 -8.17 -29.59 -12.97
C ASP C 515 -8.63 -30.42 -11.78
N ASN C 516 -8.44 -29.92 -10.55
CA ASN C 516 -8.80 -30.68 -9.38
C ASN C 516 -9.66 -29.82 -8.46
N VAL C 517 -10.93 -30.22 -8.35
CA VAL C 517 -11.92 -29.42 -7.65
C VAL C 517 -11.60 -29.39 -6.15
N GLU C 518 -10.76 -30.31 -5.69
CA GLU C 518 -10.32 -30.31 -4.31
C GLU C 518 -9.19 -29.32 -4.06
N LEU C 519 -8.55 -28.77 -5.10
CA LEU C 519 -7.43 -27.83 -4.90
C LEU C 519 -7.73 -26.52 -5.62
N PRO C 520 -8.77 -25.78 -5.23
CA PRO C 520 -9.06 -24.48 -5.85
C PRO C 520 -8.06 -23.42 -5.39
N LEU C 521 -7.79 -22.46 -6.24
CA LEU C 521 -6.79 -21.44 -5.91
C LEU C 521 -7.22 -20.67 -4.65
N ASP C 522 -8.54 -20.46 -4.50
CA ASP C 522 -9.07 -19.61 -3.44
C ASP C 522 -9.15 -20.38 -2.11
N ASN C 523 -8.70 -21.64 -2.02
CA ASN C 523 -8.53 -22.25 -0.71
C ASN C 523 -7.09 -22.75 -0.49
N CYS C 524 -6.13 -22.15 -1.19
CA CYS C 524 -4.72 -22.56 -1.10
C CYS C 524 -4.07 -22.01 0.15
N ASP C 525 -3.46 -22.89 0.96
CA ASP C 525 -2.66 -22.45 2.09
C ASP C 525 -1.21 -22.88 1.85
N ILE C 526 -0.30 -21.92 1.72
CA ILE C 526 1.13 -22.23 1.57
C ILE C 526 1.87 -22.35 2.91
N TYR C 527 1.15 -22.29 4.04
CA TYR C 527 1.76 -22.45 5.34
C TYR C 527 2.54 -23.77 5.32
N GLY C 528 3.78 -23.72 5.79
CA GLY C 528 4.60 -24.91 5.92
C GLY C 528 5.24 -25.33 4.61
N SER C 529 5.10 -24.57 3.51
CA SER C 529 5.65 -25.05 2.24
C SER C 529 7.07 -24.50 2.03
N ALA C 530 8.07 -25.40 2.07
CA ALA C 530 9.44 -25.03 1.76
C ALA C 530 9.63 -24.74 0.27
N ALA C 531 8.89 -25.43 -0.60
CA ALA C 531 8.98 -25.16 -2.02
C ALA C 531 8.58 -23.72 -2.35
N ALA C 532 7.51 -23.23 -1.73
CA ALA C 532 7.09 -21.85 -1.90
C ALA C 532 8.16 -20.94 -1.34
N GLY C 533 8.66 -21.26 -0.13
CA GLY C 533 9.72 -20.51 0.52
C GLY C 533 10.96 -20.36 -0.36
N ALA C 534 11.29 -21.43 -1.10
CA ALA C 534 12.45 -21.42 -1.96
C ALA C 534 12.30 -20.37 -3.06
N ALA C 535 11.11 -20.31 -3.68
CA ALA C 535 10.85 -19.34 -4.74
C ALA C 535 10.98 -17.92 -4.18
N PHE C 536 10.43 -17.69 -3.00
CA PHE C 536 10.60 -16.42 -2.36
C PHE C 536 12.08 -16.12 -2.14
N HIS C 537 12.83 -17.07 -1.59
CA HIS C 537 14.24 -16.84 -1.36
C HIS C 537 14.95 -16.47 -2.65
N ASN C 538 14.72 -17.23 -3.73
CA ASN C 538 15.39 -16.96 -5.00
C ASN C 538 15.14 -15.52 -5.46
N MET C 539 13.93 -15.00 -5.21
CA MET C 539 13.55 -13.71 -5.77
C MET C 539 13.99 -12.60 -4.83
N LEU C 540 13.60 -12.74 -3.55
CA LEU C 540 13.84 -11.66 -2.61
C LEU C 540 15.33 -11.41 -2.38
N SER C 541 16.16 -12.45 -2.45
CA SER C 541 17.57 -12.27 -2.12
C SER C 541 18.27 -11.40 -3.16
N MET C 542 17.67 -11.30 -4.36
CA MET C 542 18.16 -10.45 -5.46
C MET C 542 18.08 -8.96 -5.16
N GLY C 543 17.22 -8.53 -4.23
CA GLY C 543 17.01 -7.11 -4.07
C GLY C 543 16.69 -6.45 -5.42
N ALA C 544 17.38 -5.34 -5.68
CA ALA C 544 17.22 -4.59 -6.91
C ALA C 544 18.46 -4.76 -7.80
N SER C 545 19.20 -5.89 -7.63
CA SER C 545 20.44 -6.16 -8.36
C SER C 545 20.21 -6.36 -9.85
N LYS C 546 18.98 -6.72 -10.22
CA LYS C 546 18.57 -6.92 -11.59
C LYS C 546 17.21 -6.28 -11.85
N PRO C 547 16.92 -5.89 -13.11
CA PRO C 547 15.60 -5.40 -13.47
C PRO C 547 14.53 -6.39 -13.03
N TRP C 548 13.35 -5.89 -12.65
CA TRP C 548 12.31 -6.68 -12.01
C TRP C 548 11.86 -7.89 -12.84
N PRO C 549 11.86 -7.91 -14.20
CA PRO C 549 11.50 -9.14 -14.90
C PRO C 549 12.38 -10.33 -14.54
N ASP C 550 13.66 -10.07 -14.26
CA ASP C 550 14.59 -11.10 -13.85
C ASP C 550 14.26 -11.63 -12.45
N ALA C 551 13.70 -10.77 -11.61
CA ALA C 551 13.32 -11.16 -10.27
C ALA C 551 12.07 -12.02 -10.31
N LEU C 552 11.08 -11.64 -11.13
CA LEU C 552 9.92 -12.48 -11.36
C LEU C 552 10.36 -13.81 -11.96
N GLU C 553 11.31 -13.78 -12.91
CA GLU C 553 11.73 -15.00 -13.56
C GLU C 553 12.35 -15.99 -12.57
N ALA C 554 13.07 -15.47 -11.58
CA ALA C 554 13.68 -16.25 -10.51
C ALA C 554 12.62 -16.92 -9.67
N PHE C 555 11.44 -16.31 -9.58
CA PHE C 555 10.36 -16.86 -8.78
C PHE C 555 9.64 -17.99 -9.52
N ASN C 556 9.21 -17.74 -10.76
CA ASN C 556 8.30 -18.68 -11.40
C ASN C 556 8.62 -18.84 -12.89
N GLY C 557 9.75 -18.31 -13.38
CA GLY C 557 10.07 -18.46 -14.80
C GLY C 557 9.39 -17.44 -15.72
N GLU C 558 8.55 -16.53 -15.21
CA GLU C 558 7.85 -15.57 -16.07
C GLU C 558 8.56 -14.22 -16.03
N ARG C 559 8.30 -13.37 -17.02
CA ARG C 559 8.99 -12.08 -17.11
C ARG C 559 8.00 -10.92 -17.28
N ILE C 560 6.70 -11.22 -17.31
CA ILE C 560 5.70 -10.25 -17.74
C ILE C 560 4.70 -10.07 -16.61
N MET C 561 4.40 -8.80 -16.28
CA MET C 561 3.30 -8.49 -15.37
C MET C 561 1.97 -8.75 -16.09
N SER C 562 1.08 -9.50 -15.44
CA SER C 562 -0.08 -10.03 -16.11
C SER C 562 -1.27 -10.08 -15.16
N GLY C 563 -2.40 -9.71 -15.74
CA GLY C 563 -3.70 -9.83 -15.09
C GLY C 563 -4.33 -11.24 -15.14
N LYS C 564 -3.66 -12.20 -15.78
CA LYS C 564 -4.28 -13.51 -15.93
C LYS C 564 -4.56 -14.13 -14.56
N ALA C 565 -3.61 -14.03 -13.63
CA ALA C 565 -3.73 -14.79 -12.40
C ALA C 565 -4.85 -14.22 -11.51
N ILE C 566 -4.97 -12.90 -11.43
CA ILE C 566 -6.05 -12.35 -10.61
C ILE C 566 -7.40 -12.70 -11.25
N ALA C 567 -7.48 -12.73 -12.58
CA ALA C 567 -8.75 -13.10 -13.20
C ALA C 567 -9.10 -14.57 -12.95
N GLU C 568 -8.06 -15.43 -12.97
CA GLU C 568 -8.24 -16.86 -12.71
C GLU C 568 -8.74 -17.08 -11.29
N TYR C 569 -8.20 -16.36 -10.32
CA TYR C 569 -8.70 -16.46 -8.96
C TYR C 569 -10.18 -16.16 -8.86
N PHE C 570 -10.65 -15.06 -9.49
CA PHE C 570 -12.00 -14.58 -9.29
C PHE C 570 -13.00 -15.12 -10.33
N GLU C 571 -12.53 -15.90 -11.31
CA GLU C 571 -13.37 -16.43 -12.38
C GLU C 571 -14.66 -17.09 -11.85
N PRO C 572 -14.69 -17.93 -10.80
CA PRO C 572 -15.98 -18.46 -10.34
C PRO C 572 -16.94 -17.39 -9.84
N LEU C 573 -16.38 -16.34 -9.22
CA LEU C 573 -17.16 -15.21 -8.74
C LEU C 573 -17.71 -14.46 -9.96
N ARG C 574 -16.89 -14.21 -10.96
CA ARG C 574 -17.32 -13.49 -12.14
C ARG C 574 -18.55 -14.18 -12.75
N VAL C 575 -18.47 -15.48 -12.94
CA VAL C 575 -19.56 -16.25 -13.53
C VAL C 575 -20.82 -16.12 -12.66
N TRP C 576 -20.68 -16.34 -11.37
CA TRP C 576 -21.82 -16.28 -10.47
C TRP C 576 -22.46 -14.87 -10.46
N LEU C 577 -21.59 -13.84 -10.39
CA LEU C 577 -22.05 -12.49 -10.17
C LEU C 577 -22.73 -11.94 -11.42
N GLU C 578 -22.15 -12.21 -12.60
CA GLU C 578 -22.79 -11.78 -13.82
C GLU C 578 -24.22 -12.31 -13.87
N ALA C 579 -24.43 -13.57 -13.43
CA ALA C 579 -25.71 -14.24 -13.47
C ALA C 579 -26.63 -13.67 -12.42
N GLU C 580 -26.07 -13.36 -11.24
CA GLU C 580 -26.89 -12.85 -10.16
C GLU C 580 -27.40 -11.43 -10.48
N ASN C 581 -26.55 -10.62 -11.07
CA ASN C 581 -26.96 -9.27 -11.46
C ASN C 581 -28.08 -9.34 -12.53
N ILE C 582 -27.99 -10.24 -13.51
CA ILE C 582 -29.02 -10.40 -14.53
C ILE C 582 -30.30 -10.87 -13.88
N LYS C 583 -30.19 -11.84 -12.98
CA LYS C 583 -31.34 -12.42 -12.34
C LYS C 583 -32.12 -11.35 -11.57
N ASN C 584 -31.39 -10.37 -11.03
CA ASN C 584 -31.96 -9.37 -10.13
C ASN C 584 -32.12 -8.04 -10.85
N ASN C 585 -31.87 -8.03 -12.17
CA ASN C 585 -32.04 -6.85 -12.99
C ASN C 585 -31.26 -5.65 -12.43
N VAL C 586 -30.01 -5.90 -12.02
CA VAL C 586 -29.24 -4.90 -11.32
C VAL C 586 -28.68 -3.91 -12.33
N HIS C 587 -28.86 -2.62 -12.03
CA HIS C 587 -28.33 -1.56 -12.87
C HIS C 587 -26.81 -1.49 -12.69
N ILE C 588 -26.10 -1.43 -13.82
CA ILE C 588 -24.65 -1.36 -13.87
C ILE C 588 -24.26 0.00 -14.41
N GLY C 589 -23.27 0.63 -13.79
CA GLY C 589 -22.74 1.93 -14.26
C GLY C 589 -23.39 3.07 -13.48
N TRP C 590 -22.93 4.31 -13.71
CA TRP C 590 -23.39 5.42 -12.89
C TRP C 590 -23.35 6.70 -13.71
N THR C 591 -24.24 7.62 -13.33
CA THR C 591 -24.24 8.97 -13.86
C THR C 591 -23.10 9.75 -13.19
N THR C 592 -22.76 10.89 -13.77
CA THR C 592 -21.71 11.77 -13.28
C THR C 592 -22.16 12.38 -11.96
N SER C 593 -21.27 12.40 -10.95
CA SER C 593 -21.58 12.89 -9.62
C SER C 593 -21.96 14.37 -9.68
N ASN C 594 -22.89 14.80 -8.82
CA ASN C 594 -23.13 16.23 -8.58
C ASN C 594 -22.47 16.72 -7.28
N LYS C 595 -21.56 15.95 -6.66
CA LYS C 595 -21.09 16.32 -5.32
C LYS C 595 -19.83 17.19 -5.28
N CYS C 596 -19.30 17.66 -6.43
CA CYS C 596 -18.18 18.60 -6.38
C CYS C 596 -18.49 19.76 -7.32
N VAL C 597 -18.77 20.93 -6.74
CA VAL C 597 -19.16 22.12 -7.50
C VAL C 597 -17.92 22.90 -7.94
N SER C 598 -17.85 23.19 -9.25
CA SER C 598 -16.62 23.60 -9.94
C SER C 598 -16.43 25.13 -9.91
#